data_7OVD
#
_entry.id   7OVD
#
_cell.length_a   99.177
_cell.length_b   99.177
_cell.length_c   99.593
_cell.angle_alpha   90.000
_cell.angle_beta   90.000
_cell.angle_gamma   120.000
#
_symmetry.space_group_name_H-M   'P 63'
#
loop_
_entity.id
_entity.type
_entity.pdbx_description
1 polymer 'Adenylate cyclase type 10'
2 non-polymer 4-chloranyl-6-[1,5-dimethyl-4-(phenylmethyl)pyrazol-3-yl]pyrimidin-2-amine
3 non-polymer 'ACETATE ION'
4 non-polymer 'DIMETHYL SULFOXIDE'
5 non-polymer 1,2-ETHANEDIOL
6 water water
#
_entity_poly.entity_id   1
_entity_poly.type   'polypeptide(L)'
_entity_poly.pdbx_seq_one_letter_code
;MNTPKEEFQDWPIVRIAAHLPDLIVYGHFSPERPFMDYFDGVLMFVDISGFTAMTEKFSSAMYMDRGAEQLVEILNYHIS
AIVEKVLIFGGDILKFAGDALLALWRVERKQLKNIITVVIKCSLEIHGLFETQEWEEGLDIRVKIGLAAGHISMLVFGDE
THSHFLVIGQAVDDVRLAQNMAQMNDVILSPNCWQLCDRSMIEIESVPDQRAVKVNFLKPPPNFNFDEFFTKCTTFMHYY
PSGEHKNLLRLA(CME)TLKPDPELEMSLQKYVMESILKQIDNKQLQGYLSELRPVTIVFVNLMFEDQDKAEEIGPAIQD
AYMHITSVLKIFQGQINKVFMFDKGCSFLCVFGFPGEKVPDELTHALECAMDIFDFCSQVHKIQTVSIGVASGIVFCGIV
GHTVRHEYTVIGQKVNLAARMMMYYPGIVTCDSVTYNGSNLPAYFFKELPKKVMKGVADSGPLYQYWGRTEKVHHHHHH
;
_entity_poly.pdbx_strand_id   A
#
loop_
_chem_comp.id
_chem_comp.type
_chem_comp.name
_chem_comp.formula
1S2 non-polymer 4-chloranyl-6-[1,5-dimethyl-4-(phenylmethyl)pyrazol-3-yl]pyrimidin-2-amine 'C16 H16 Cl N5'
ACT non-polymer 'ACETATE ION' 'C2 H3 O2 -1'
DMS non-polymer 'DIMETHYL SULFOXIDE' 'C2 H6 O S'
EDO non-polymer 1,2-ETHANEDIOL 'C2 H6 O2'
#
# COMPACT_ATOMS: atom_id res chain seq x y z
N GLU A 7 -0.67 14.68 -29.87
CA GLU A 7 -0.87 15.39 -28.61
C GLU A 7 0.29 15.14 -27.63
N PHE A 8 0.93 16.23 -27.18
CA PHE A 8 2.05 16.16 -26.23
C PHE A 8 1.50 15.96 -24.82
N GLN A 9 2.01 14.94 -24.12
CA GLN A 9 1.46 14.58 -22.82
C GLN A 9 2.52 14.37 -21.75
N ASP A 10 3.75 14.82 -21.97
CA ASP A 10 4.85 14.53 -21.06
C ASP A 10 5.08 15.63 -20.03
N TRP A 11 4.07 16.41 -19.72
CA TRP A 11 4.26 17.52 -18.80
C TRP A 11 4.62 16.99 -17.43
N PRO A 12 5.42 17.74 -16.68
CA PRO A 12 5.66 17.36 -15.28
C PRO A 12 4.38 16.98 -14.55
N ILE A 13 3.27 17.72 -14.72
CA ILE A 13 2.07 17.41 -13.96
C ILE A 13 1.59 16.00 -14.27
N VAL A 14 1.73 15.57 -15.54
CA VAL A 14 1.37 14.19 -15.89
C VAL A 14 2.33 13.20 -15.23
N ARG A 15 3.62 13.49 -15.24
CA ARG A 15 4.55 12.56 -14.60
C ARG A 15 4.29 12.42 -13.10
N ILE A 16 3.89 13.51 -12.47
CA ILE A 16 3.49 13.44 -11.07
C ILE A 16 2.20 12.62 -10.92
N ALA A 17 1.27 12.79 -11.86
CA ALA A 17 0.01 12.08 -11.73
C ALA A 17 0.20 10.57 -11.83
N ALA A 18 1.26 10.11 -12.50
CA ALA A 18 1.45 8.65 -12.57
C ALA A 18 1.54 8.03 -11.17
N HIS A 19 2.00 8.78 -10.18
CA HIS A 19 2.27 8.24 -8.85
C HIS A 19 1.04 8.19 -7.94
N LEU A 20 -0.13 8.59 -8.42
CA LEU A 20 -1.30 8.89 -7.61
C LEU A 20 -2.52 8.30 -8.27
N PRO A 21 -3.52 7.88 -7.49
CA PRO A 21 -4.79 7.43 -8.08
C PRO A 21 -5.67 8.60 -8.50
N ASP A 22 -6.71 8.27 -9.30
CA ASP A 22 -7.71 9.27 -9.69
C ASP A 22 -8.43 9.86 -8.48
N LEU A 23 -8.58 9.06 -7.43
CA LEU A 23 -9.13 9.54 -6.17
C LEU A 23 -8.45 10.82 -5.72
N ILE A 24 -7.13 10.88 -5.82
CA ILE A 24 -6.42 12.11 -5.47
C ILE A 24 -6.35 13.05 -6.67
N VAL A 25 -6.05 12.56 -7.87
CA VAL A 25 -5.75 13.47 -8.99
C VAL A 25 -6.94 14.37 -9.30
N TYR A 26 -8.16 13.83 -9.27
CA TYR A 26 -9.36 14.58 -9.61
C TYR A 26 -10.26 14.88 -8.41
N GLY A 27 -9.75 14.74 -7.18
CA GLY A 27 -10.50 15.20 -6.03
C GLY A 27 -10.51 16.72 -5.96
N HIS A 28 -11.26 17.27 -5.02
CA HIS A 28 -11.24 18.71 -4.83
C HIS A 28 -11.33 19.02 -3.34
N PHE A 29 -10.35 18.51 -2.60
CA PHE A 29 -10.37 18.62 -1.16
C PHE A 29 -10.09 20.04 -0.71
N SER A 30 -10.59 20.35 0.47
CA SER A 30 -10.24 21.56 1.18
C SER A 30 -8.77 21.53 1.54
N PRO A 31 -8.24 22.63 2.08
CA PRO A 31 -6.93 22.58 2.73
C PRO A 31 -6.95 21.95 4.11
N GLU A 32 -8.12 21.78 4.71
CA GLU A 32 -8.22 21.23 6.06
C GLU A 32 -7.48 19.91 6.17
N ARG A 33 -6.88 19.70 7.33
CA ARG A 33 -6.24 18.43 7.61
C ARG A 33 -6.54 18.06 9.05
N PRO A 34 -7.16 16.89 9.30
CA PRO A 34 -7.53 15.85 8.33
C PRO A 34 -8.68 16.27 7.44
N PHE A 35 -8.82 15.66 6.28
CA PHE A 35 -10.01 15.81 5.45
C PHE A 35 -10.60 14.42 5.23
N MET A 36 -11.90 14.27 5.52
CA MET A 36 -12.59 13.01 5.30
C MET A 36 -13.66 13.15 4.23
N ASP A 37 -13.83 12.10 3.44
CA ASP A 37 -14.97 12.01 2.54
C ASP A 37 -15.47 10.57 2.61
N TYR A 38 -16.68 10.35 2.11
CA TYR A 38 -17.32 9.04 2.23
C TYR A 38 -17.99 8.73 0.90
N PHE A 39 -18.03 7.46 0.53
CA PHE A 39 -18.63 7.02 -0.73
C PHE A 39 -18.72 5.50 -0.70
N ASP A 40 -19.16 4.93 -1.80
CA ASP A 40 -19.28 3.48 -1.92
C ASP A 40 -18.47 3.03 -3.12
N GLY A 41 -18.00 1.78 -3.05
CA GLY A 41 -17.32 1.22 -4.20
C GLY A 41 -17.00 -0.23 -4.00
N VAL A 42 -16.31 -0.78 -4.98
CA VAL A 42 -15.78 -2.13 -4.88
C VAL A 42 -14.27 -2.01 -4.66
N LEU A 43 -13.71 -2.90 -3.85
CA LEU A 43 -12.28 -2.95 -3.63
C LEU A 43 -11.73 -4.26 -4.15
N MET A 44 -10.49 -4.21 -4.61
CA MET A 44 -9.74 -5.37 -5.07
C MET A 44 -8.36 -5.32 -4.45
N PHE A 45 -7.99 -6.37 -3.73
CA PHE A 45 -6.66 -6.51 -3.17
C PHE A 45 -5.96 -7.67 -3.87
N VAL A 46 -4.82 -7.41 -4.50
CA VAL A 46 -4.09 -8.41 -5.27
C VAL A 46 -2.82 -8.75 -4.52
N ASP A 47 -2.70 -9.97 -4.00
CA ASP A 47 -1.49 -10.42 -3.31
C ASP A 47 -0.54 -11.07 -4.31
N ILE A 48 0.70 -10.62 -4.32
CA ILE A 48 1.74 -11.29 -5.08
C ILE A 48 2.67 -11.98 -4.07
N SER A 49 2.86 -13.28 -4.26
CA SER A 49 3.71 -14.07 -3.39
C SER A 49 4.90 -14.53 -4.22
N GLY A 50 6.09 -14.16 -3.79
CA GLY A 50 7.28 -14.40 -4.56
C GLY A 50 8.14 -13.16 -4.59
N PHE A 51 7.48 -12.00 -4.68
CA PHE A 51 8.19 -10.72 -4.66
C PHE A 51 9.32 -10.73 -3.65
N THR A 52 8.99 -10.96 -2.37
CA THR A 52 10.02 -10.91 -1.33
C THR A 52 10.99 -12.08 -1.46
N ALA A 53 10.47 -13.26 -1.78
CA ALA A 53 11.35 -14.42 -1.94
C ALA A 53 12.37 -14.17 -3.03
N MET A 54 11.92 -13.68 -4.18
CA MET A 54 12.86 -13.47 -5.28
C MET A 54 13.83 -12.33 -4.99
N THR A 55 13.43 -11.36 -4.16
CA THR A 55 14.33 -10.26 -3.81
C THR A 55 15.64 -10.79 -3.25
N GLU A 56 15.56 -11.76 -2.33
CA GLU A 56 16.80 -12.30 -1.81
C GLU A 56 17.51 -13.15 -2.86
N LYS A 57 16.79 -13.75 -3.80
CA LYS A 57 17.46 -14.40 -4.92
C LYS A 57 18.31 -13.39 -5.70
N PHE A 58 17.70 -12.28 -6.12
CA PHE A 58 18.39 -11.29 -6.95
C PHE A 58 19.51 -10.59 -6.21
N SER A 59 19.62 -10.75 -4.89
CA SER A 59 20.77 -10.18 -4.20
C SER A 59 22.02 -11.05 -4.30
N SER A 60 21.89 -12.24 -4.91
CA SER A 60 23.01 -13.16 -5.11
C SER A 60 24.02 -12.59 -6.09
N ALA A 61 25.26 -13.08 -5.99
CA ALA A 61 26.33 -12.62 -6.88
C ALA A 61 26.16 -13.12 -8.31
N MET A 62 25.23 -14.07 -8.54
CA MET A 62 24.93 -14.52 -9.90
C MET A 62 24.50 -13.35 -10.78
N TYR A 63 23.85 -12.34 -10.19
CA TYR A 63 23.33 -11.21 -10.94
C TYR A 63 24.34 -10.09 -11.12
N MET A 64 25.58 -10.30 -10.64
CA MET A 64 26.73 -9.47 -10.99
C MET A 64 26.43 -7.99 -10.85
N ASP A 65 25.97 -7.62 -9.66
CA ASP A 65 25.68 -6.24 -9.27
C ASP A 65 24.55 -5.61 -10.07
N ARG A 66 23.83 -6.38 -10.91
CA ARG A 66 22.63 -5.88 -11.56
C ARG A 66 21.38 -6.54 -11.01
N GLY A 67 21.45 -7.04 -9.76
CA GLY A 67 20.28 -7.66 -9.15
C GLY A 67 19.09 -6.71 -9.09
N ALA A 68 19.34 -5.46 -8.69
CA ALA A 68 18.25 -4.48 -8.59
C ALA A 68 17.64 -4.19 -9.96
N GLU A 69 18.49 -3.91 -10.95
CA GLU A 69 18.00 -3.59 -12.29
C GLU A 69 17.20 -4.74 -12.87
N GLN A 70 17.67 -5.97 -12.63
CA GLN A 70 17.00 -7.16 -13.14
C GLN A 70 15.71 -7.42 -12.40
N LEU A 71 15.74 -7.28 -11.07
CA LEU A 71 14.56 -7.43 -10.24
C LEU A 71 13.46 -6.46 -10.63
N VAL A 72 13.78 -5.17 -10.73
CA VAL A 72 12.70 -4.22 -11.02
C VAL A 72 12.12 -4.52 -12.40
N GLU A 73 12.98 -4.95 -13.32
CA GLU A 73 12.54 -5.26 -14.69
C GLU A 73 11.57 -6.44 -14.71
N ILE A 74 11.91 -7.54 -14.03
CA ILE A 74 11.02 -8.69 -14.16
C ILE A 74 9.76 -8.46 -13.33
N LEU A 75 9.89 -7.77 -12.20
CA LEU A 75 8.74 -7.40 -11.37
C LEU A 75 7.79 -6.50 -12.13
N ASN A 76 8.29 -5.42 -12.73
CA ASN A 76 7.42 -4.55 -13.47
C ASN A 76 6.79 -5.23 -14.67
N TYR A 77 7.48 -6.23 -15.24
CA TYR A 77 6.88 -7.00 -16.33
C TYR A 77 5.58 -7.65 -15.90
N HIS A 78 5.56 -8.27 -14.73
CA HIS A 78 4.35 -8.87 -14.24
C HIS A 78 3.35 -7.86 -13.69
N ILE A 79 3.82 -6.90 -12.89
CA ILE A 79 2.90 -5.99 -12.22
C ILE A 79 2.23 -5.06 -13.21
N SER A 80 2.96 -4.56 -14.21
CA SER A 80 2.29 -3.69 -15.16
C SER A 80 1.22 -4.46 -15.95
N ALA A 81 1.39 -5.77 -16.12
CA ALA A 81 0.31 -6.54 -16.74
C ALA A 81 -0.94 -6.56 -15.86
N ILE A 82 -0.75 -6.68 -14.55
CA ILE A 82 -1.90 -6.58 -13.63
C ILE A 82 -2.49 -5.17 -13.66
N VAL A 83 -1.63 -4.14 -13.72
CA VAL A 83 -2.13 -2.77 -13.74
C VAL A 83 -2.99 -2.53 -14.98
N GLU A 84 -2.52 -2.99 -16.16
CA GLU A 84 -3.28 -2.81 -17.40
C GLU A 84 -4.69 -3.38 -17.29
N LYS A 85 -4.81 -4.64 -16.83
CA LYS A 85 -6.13 -5.26 -16.69
C LYS A 85 -7.03 -4.43 -15.79
N VAL A 86 -6.50 -4.02 -14.63
CA VAL A 86 -7.29 -3.19 -13.73
C VAL A 86 -7.76 -1.93 -14.43
N LEU A 87 -6.85 -1.24 -15.13
CA LEU A 87 -7.19 0.03 -15.74
C LEU A 87 -8.19 -0.14 -16.88
N ILE A 88 -7.99 -1.15 -17.75
CA ILE A 88 -8.92 -1.32 -18.87
C ILE A 88 -10.29 -1.74 -18.36
N PHE A 89 -10.37 -2.40 -17.20
CA PHE A 89 -11.67 -2.69 -16.59
C PHE A 89 -12.20 -1.54 -15.77
N GLY A 90 -11.56 -0.38 -15.85
CA GLY A 90 -12.08 0.82 -15.23
C GLY A 90 -11.73 1.03 -13.77
N GLY A 91 -10.85 0.23 -13.18
CA GLY A 91 -10.48 0.43 -11.78
C GLY A 91 -9.38 1.46 -11.61
N ASP A 92 -9.29 1.98 -10.39
CA ASP A 92 -8.32 3.00 -10.00
C ASP A 92 -7.34 2.36 -9.00
N ILE A 93 -6.05 2.33 -9.32
CA ILE A 93 -5.09 1.67 -8.41
C ILE A 93 -4.69 2.66 -7.32
N LEU A 94 -4.97 2.30 -6.06
CA LEU A 94 -4.77 3.27 -4.99
C LEU A 94 -3.31 3.28 -4.52
N LYS A 95 -2.76 2.12 -4.18
CA LYS A 95 -1.42 2.10 -3.62
C LYS A 95 -0.76 0.80 -4.02
N PHE A 96 0.56 0.85 -4.18
CA PHE A 96 1.38 -0.34 -4.35
C PHE A 96 2.16 -0.58 -3.08
N ALA A 97 2.45 -1.85 -2.81
CA ALA A 97 3.41 -2.22 -1.78
C ALA A 97 4.16 -3.43 -2.28
N GLY A 98 5.29 -3.74 -1.65
CA GLY A 98 6.09 -4.87 -2.11
C GLY A 98 5.26 -6.11 -2.39
N ASP A 99 4.28 -6.38 -1.53
CA ASP A 99 3.54 -7.64 -1.61
C ASP A 99 2.22 -7.58 -2.37
N ALA A 100 1.72 -6.39 -2.79
CA ALA A 100 0.32 -6.29 -3.19
C ALA A 100 0.01 -4.94 -3.87
N LEU A 101 -1.21 -4.83 -4.41
CA LEU A 101 -1.79 -3.54 -4.74
C LEU A 101 -3.28 -3.52 -4.37
N LEU A 102 -3.80 -2.32 -4.12
CA LEU A 102 -5.21 -2.12 -3.80
C LEU A 102 -5.85 -1.25 -4.88
N ALA A 103 -6.95 -1.74 -5.45
CA ALA A 103 -7.64 -1.02 -6.51
C ALA A 103 -9.06 -0.70 -6.06
N LEU A 104 -9.59 0.39 -6.61
CA LEU A 104 -10.90 0.89 -6.24
C LEU A 104 -11.74 1.16 -7.48
N TRP A 105 -13.02 0.81 -7.37
CA TRP A 105 -14.06 1.14 -8.33
C TRP A 105 -15.10 1.92 -7.53
N ARG A 106 -15.04 3.24 -7.58
CA ARG A 106 -16.00 4.08 -6.87
C ARG A 106 -17.21 4.31 -7.77
N VAL A 107 -18.41 3.99 -7.26
CA VAL A 107 -19.66 4.13 -8.02
C VAL A 107 -20.81 4.43 -7.07
N GLU A 108 -21.94 4.89 -7.63
CA GLU A 108 -23.18 5.01 -6.87
C GLU A 108 -23.57 3.67 -6.24
N ARG A 109 -24.18 3.75 -5.06
CA ARG A 109 -24.64 2.55 -4.35
C ARG A 109 -25.49 1.64 -5.23
N LYS A 110 -26.42 2.22 -6.00
CA LYS A 110 -27.31 1.39 -6.80
C LYS A 110 -26.57 0.60 -7.88
N GLN A 111 -25.31 0.91 -8.16
CA GLN A 111 -24.61 0.27 -9.26
C GLN A 111 -23.59 -0.77 -8.80
N LEU A 112 -23.48 -1.02 -7.50
CA LEU A 112 -22.48 -1.96 -7.00
C LEU A 112 -22.69 -3.34 -7.59
N LYS A 113 -23.95 -3.76 -7.72
CA LYS A 113 -24.25 -5.09 -8.25
C LYS A 113 -23.61 -5.29 -9.62
N ASN A 114 -23.82 -4.34 -10.53
CA ASN A 114 -23.26 -4.48 -11.87
C ASN A 114 -21.73 -4.41 -11.85
N ILE A 115 -21.16 -3.55 -11.00
CA ILE A 115 -19.71 -3.35 -10.98
C ILE A 115 -19.00 -4.56 -10.41
N ILE A 116 -19.62 -5.23 -9.44
CA ILE A 116 -18.99 -6.42 -8.89
C ILE A 116 -18.75 -7.45 -9.98
N THR A 117 -19.70 -7.60 -10.92
CA THR A 117 -19.47 -8.50 -12.04
C THR A 117 -18.28 -8.05 -12.89
N VAL A 118 -18.15 -6.74 -13.10
CA VAL A 118 -16.97 -6.21 -13.79
C VAL A 118 -15.69 -6.62 -13.07
N VAL A 119 -15.65 -6.38 -11.75
CA VAL A 119 -14.42 -6.62 -11.00
C VAL A 119 -14.10 -8.10 -10.93
N ILE A 120 -15.12 -8.94 -10.76
CA ILE A 120 -14.90 -10.39 -10.78
C ILE A 120 -14.32 -10.83 -12.13
N LYS A 121 -14.91 -10.36 -13.22
CA LYS A 121 -14.35 -10.65 -14.55
C LYS A 121 -12.90 -10.18 -14.62
N CYS A 122 -12.65 -8.93 -14.23
CA CYS A 122 -11.27 -8.43 -14.16
C CYS A 122 -10.39 -9.40 -13.39
N SER A 123 -10.83 -9.77 -12.19
CA SER A 123 -10.07 -10.67 -11.32
C SER A 123 -9.69 -11.97 -12.01
N LEU A 124 -10.59 -12.53 -12.83
CA LEU A 124 -10.26 -13.80 -13.45
C LEU A 124 -9.34 -13.61 -14.65
N GLU A 125 -9.50 -12.51 -15.39
CA GLU A 125 -8.51 -12.25 -16.42
C GLU A 125 -7.14 -12.03 -15.82
N ILE A 126 -7.07 -11.51 -14.59
CA ILE A 126 -5.76 -11.34 -13.96
C ILE A 126 -5.16 -12.68 -13.62
N HIS A 127 -5.97 -13.63 -13.15
CA HIS A 127 -5.46 -14.98 -12.98
C HIS A 127 -5.06 -15.59 -14.32
N GLY A 128 -5.83 -15.32 -15.37
CA GLY A 128 -5.46 -15.80 -16.68
C GLY A 128 -4.07 -15.42 -17.12
N LEU A 129 -3.52 -14.33 -16.57
CA LEU A 129 -2.21 -13.89 -17.02
C LEU A 129 -1.11 -14.87 -16.58
N PHE A 130 -1.34 -15.63 -15.50
CA PHE A 130 -0.32 -16.44 -14.87
C PHE A 130 -0.65 -17.93 -14.83
N GLU A 131 -1.60 -18.40 -15.62
CA GLU A 131 -1.94 -19.82 -15.59
C GLU A 131 -1.01 -20.62 -16.50
N ILE A 141 4.87 -18.06 -9.96
CA ILE A 141 4.23 -16.91 -10.58
C ILE A 141 2.70 -17.00 -10.40
N ARG A 142 2.21 -16.67 -9.21
CA ARG A 142 0.77 -16.74 -8.95
C ARG A 142 0.36 -15.66 -7.96
N VAL A 143 -0.93 -15.32 -8.00
CA VAL A 143 -1.49 -14.25 -7.20
C VAL A 143 -2.74 -14.74 -6.48
N LYS A 144 -3.20 -13.93 -5.53
CA LYS A 144 -4.40 -14.16 -4.75
C LYS A 144 -5.19 -12.86 -4.70
N ILE A 145 -6.51 -12.95 -4.87
CA ILE A 145 -7.35 -11.77 -5.03
C ILE A 145 -8.50 -11.86 -4.05
N GLY A 146 -8.66 -10.82 -3.23
CA GLY A 146 -9.85 -10.63 -2.42
C GLY A 146 -10.62 -9.43 -2.93
N LEU A 147 -11.95 -9.52 -2.90
CA LEU A 147 -12.86 -8.48 -3.34
C LEU A 147 -13.81 -8.12 -2.20
N ALA A 148 -14.29 -6.87 -2.17
CA ALA A 148 -15.23 -6.43 -1.15
C ALA A 148 -16.00 -5.22 -1.64
N ALA A 149 -17.19 -5.01 -1.09
CA ALA A 149 -17.97 -3.85 -1.52
C ALA A 149 -18.72 -3.27 -0.33
N GLY A 150 -19.01 -1.98 -0.41
CA GLY A 150 -19.78 -1.31 0.62
C GLY A 150 -19.30 0.11 0.84
N HIS A 151 -19.56 0.60 2.05
CA HIS A 151 -19.16 1.95 2.45
C HIS A 151 -17.64 2.08 2.58
N ILE A 152 -17.11 3.21 2.14
CA ILE A 152 -15.68 3.49 2.19
C ILE A 152 -15.49 4.94 2.63
N SER A 153 -14.58 5.16 3.58
CA SER A 153 -14.18 6.51 3.98
C SER A 153 -12.76 6.79 3.50
N MET A 154 -12.53 8.02 3.08
N MET A 154 -12.52 8.03 3.10
CA MET A 154 -11.21 8.46 2.66
CA MET A 154 -11.21 8.45 2.66
C MET A 154 -10.64 9.48 3.63
C MET A 154 -10.65 9.48 3.64
N LEU A 155 -9.40 9.27 4.04
CA LEU A 155 -8.72 10.13 5.00
C LEU A 155 -7.54 10.76 4.29
N VAL A 156 -7.50 12.08 4.19
CA VAL A 156 -6.32 12.80 3.76
C VAL A 156 -5.72 13.52 4.96
N PHE A 157 -4.42 13.33 5.19
CA PHE A 157 -3.72 14.02 6.27
C PHE A 157 -2.33 14.46 5.82
N GLY A 158 -1.76 15.41 6.56
CA GLY A 158 -0.43 15.91 6.28
C GLY A 158 -0.28 17.33 6.80
N ASP A 159 0.86 17.93 6.45
CA ASP A 159 1.09 19.32 6.82
C ASP A 159 1.09 20.17 5.54
N GLU A 160 1.68 21.36 5.63
CA GLU A 160 1.56 22.29 4.52
C GLU A 160 2.37 21.87 3.31
N THR A 161 3.27 20.89 3.44
CA THR A 161 4.02 20.50 2.24
C THR A 161 3.93 19.01 1.93
N HIS A 162 3.20 18.22 2.72
CA HIS A 162 3.16 16.79 2.58
C HIS A 162 1.75 16.31 2.81
N SER A 163 1.29 15.39 1.95
CA SER A 163 -0.04 14.82 2.14
C SER A 163 0.00 13.31 1.96
N HIS A 164 -0.90 12.63 2.67
CA HIS A 164 -1.02 11.19 2.68
C HIS A 164 -2.50 10.85 2.63
N PHE A 165 -2.84 9.71 2.08
CA PHE A 165 -4.24 9.34 2.09
C PHE A 165 -4.38 7.88 2.49
N LEU A 166 -5.60 7.53 2.90
CA LEU A 166 -5.98 6.18 3.26
C LEU A 166 -7.45 5.99 2.93
N VAL A 167 -7.84 4.76 2.64
CA VAL A 167 -9.26 4.39 2.69
C VAL A 167 -9.49 3.60 3.97
N ILE A 168 -10.59 3.90 4.64
CA ILE A 168 -10.94 3.26 5.91
C ILE A 168 -12.40 2.84 5.85
N GLY A 169 -12.73 1.82 6.64
CA GLY A 169 -14.11 1.37 6.71
C GLY A 169 -14.29 -0.13 6.61
N GLN A 170 -15.55 -0.58 6.72
CA GLN A 170 -15.84 -2.01 6.70
C GLN A 170 -15.30 -2.66 5.43
N ALA A 171 -15.63 -2.05 4.28
CA ALA A 171 -15.22 -2.59 2.98
C ALA A 171 -13.72 -2.81 2.91
N VAL A 172 -12.93 -1.89 3.49
CA VAL A 172 -11.50 -2.08 3.59
C VAL A 172 -11.19 -3.28 4.49
N ASP A 173 -11.82 -3.35 5.66
CA ASP A 173 -11.60 -4.50 6.51
C ASP A 173 -12.13 -5.78 5.85
N ASP A 174 -13.26 -5.69 5.14
CA ASP A 174 -13.76 -6.84 4.38
C ASP A 174 -12.69 -7.35 3.41
N VAL A 175 -12.11 -6.45 2.61
CA VAL A 175 -11.14 -6.92 1.62
C VAL A 175 -9.92 -7.46 2.34
N ARG A 176 -9.70 -7.04 3.59
CA ARG A 176 -8.62 -7.58 4.41
C ARG A 176 -8.90 -9.03 4.78
N LEU A 177 -10.13 -9.36 5.13
CA LEU A 177 -10.39 -10.74 5.51
C LEU A 177 -10.39 -11.66 4.29
N ALA A 178 -11.04 -11.25 3.20
CA ALA A 178 -10.96 -12.03 1.97
C ALA A 178 -9.51 -12.26 1.56
N GLN A 179 -8.62 -11.35 1.97
CA GLN A 179 -7.18 -11.47 1.73
C GLN A 179 -6.60 -12.69 2.43
N ASN A 180 -6.99 -12.90 3.69
CA ASN A 180 -6.37 -13.96 4.49
C ASN A 180 -6.64 -15.34 3.91
N MET A 181 -7.83 -15.57 3.37
CA MET A 181 -8.23 -16.92 3.02
C MET A 181 -7.72 -17.39 1.66
N ALA A 182 -7.66 -16.52 0.68
CA ALA A 182 -7.26 -16.92 -0.66
C ALA A 182 -5.93 -17.68 -0.68
N GLN A 183 -5.88 -18.73 -1.49
CA GLN A 183 -4.63 -19.34 -1.89
C GLN A 183 -4.39 -19.02 -3.37
N MET A 184 -3.24 -19.44 -3.88
CA MET A 184 -2.90 -19.10 -5.26
C MET A 184 -3.99 -19.56 -6.22
N ASN A 185 -4.42 -18.63 -7.07
CA ASN A 185 -5.44 -18.72 -8.13
C ASN A 185 -6.84 -18.48 -7.58
N ASP A 186 -7.00 -18.13 -6.30
CA ASP A 186 -8.32 -17.89 -5.74
C ASP A 186 -8.82 -16.48 -6.05
N VAL A 187 -10.14 -16.32 -5.89
CA VAL A 187 -10.83 -15.01 -5.94
C VAL A 187 -11.91 -15.06 -4.87
N ILE A 188 -11.68 -14.42 -3.74
CA ILE A 188 -12.55 -14.56 -2.58
C ILE A 188 -13.43 -13.32 -2.46
N LEU A 189 -14.74 -13.53 -2.27
CA LEU A 189 -15.67 -12.42 -2.13
C LEU A 189 -16.01 -12.21 -0.67
N SER A 190 -15.90 -10.97 -0.20
CA SER A 190 -16.27 -10.72 1.17
C SER A 190 -17.76 -11.03 1.34
N PRO A 191 -18.19 -11.31 2.57
CA PRO A 191 -19.62 -11.57 2.80
C PRO A 191 -20.53 -10.51 2.24
N ASN A 192 -20.27 -9.24 2.54
CA ASN A 192 -21.15 -8.20 2.03
C ASN A 192 -21.01 -8.04 0.53
N CYS A 193 -19.89 -8.47 -0.04
CA CYS A 193 -19.78 -8.48 -1.50
C CYS A 193 -20.60 -9.62 -2.08
N TRP A 194 -20.59 -10.79 -1.44
CA TRP A 194 -21.46 -11.87 -1.87
C TRP A 194 -22.94 -11.49 -1.74
N GLN A 195 -23.29 -10.75 -0.69
CA GLN A 195 -24.68 -10.37 -0.49
C GLN A 195 -25.16 -9.29 -1.45
N LEU A 196 -24.26 -8.48 -2.01
CA LEU A 196 -24.69 -7.46 -2.95
C LEU A 196 -24.48 -7.87 -4.39
N CYS A 197 -23.76 -8.97 -4.65
CA CYS A 197 -23.45 -9.32 -6.02
C CYS A 197 -24.67 -9.87 -6.74
N ASP A 198 -24.49 -10.14 -8.04
CA ASP A 198 -25.54 -10.72 -8.87
C ASP A 198 -25.36 -12.23 -8.85
N ARG A 199 -25.94 -12.87 -7.82
CA ARG A 199 -25.80 -14.30 -7.61
C ARG A 199 -26.37 -15.12 -8.77
N SER A 200 -27.26 -14.55 -9.57
CA SER A 200 -27.73 -15.21 -10.78
C SER A 200 -26.61 -15.49 -11.76
N MET A 201 -25.42 -14.98 -11.51
CA MET A 201 -24.35 -15.01 -12.50
C MET A 201 -23.04 -15.56 -11.97
N ILE A 202 -22.89 -15.71 -10.66
CA ILE A 202 -21.60 -16.02 -10.04
C ILE A 202 -21.75 -17.34 -9.30
N GLU A 203 -21.04 -18.38 -9.76
CA GLU A 203 -21.03 -19.66 -9.10
C GLU A 203 -19.89 -19.70 -8.08
N ILE A 204 -20.23 -19.98 -6.83
CA ILE A 204 -19.28 -19.90 -5.72
C ILE A 204 -19.12 -21.23 -5.02
N GLU A 205 -18.29 -21.27 -3.98
CA GLU A 205 -18.19 -22.39 -3.07
C GLU A 205 -17.80 -21.84 -1.71
N SER A 206 -18.38 -22.38 -0.64
CA SER A 206 -18.22 -21.73 0.64
C SER A 206 -16.83 -22.00 1.21
N VAL A 207 -16.47 -21.21 2.21
CA VAL A 207 -15.18 -21.29 2.89
C VAL A 207 -15.42 -21.83 4.28
N PRO A 208 -14.73 -22.91 4.69
CA PRO A 208 -14.93 -23.47 6.03
C PRO A 208 -14.85 -22.41 7.13
N ASP A 209 -15.88 -22.36 7.97
CA ASP A 209 -15.99 -21.44 9.10
C ASP A 209 -15.80 -19.99 8.65
N GLN A 210 -16.50 -19.62 7.59
N GLN A 210 -16.48 -19.62 7.56
CA GLN A 210 -16.43 -18.26 7.06
CA GLN A 210 -16.40 -18.28 7.01
C GLN A 210 -17.70 -17.94 6.32
C GLN A 210 -17.70 -17.94 6.31
N ARG A 211 -18.11 -16.67 6.40
CA ARG A 211 -19.26 -16.19 5.65
C ARG A 211 -18.88 -15.73 4.25
N ALA A 212 -17.59 -15.56 3.97
CA ALA A 212 -17.14 -15.20 2.63
C ALA A 212 -17.27 -16.41 1.70
N VAL A 213 -17.09 -16.20 0.40
CA VAL A 213 -17.22 -17.27 -0.58
C VAL A 213 -16.06 -17.20 -1.56
N LYS A 214 -15.68 -18.35 -2.10
CA LYS A 214 -14.73 -18.43 -3.20
C LYS A 214 -15.50 -18.45 -4.52
N VAL A 215 -14.94 -17.82 -5.54
CA VAL A 215 -15.56 -17.81 -6.85
C VAL A 215 -14.90 -18.89 -7.68
N ASN A 216 -15.72 -19.64 -8.42
CA ASN A 216 -15.22 -20.66 -9.33
C ASN A 216 -15.49 -20.33 -10.79
N PHE A 217 -16.71 -19.94 -11.13
CA PHE A 217 -17.02 -19.57 -12.48
C PHE A 217 -17.99 -18.40 -12.50
N LEU A 218 -17.95 -17.68 -13.60
CA LEU A 218 -18.91 -16.63 -13.92
C LEU A 218 -19.70 -17.14 -15.11
N LYS A 219 -20.90 -17.67 -14.84
CA LYS A 219 -21.72 -18.24 -15.91
C LYS A 219 -22.79 -17.23 -16.28
N PRO A 220 -22.73 -16.64 -17.47
CA PRO A 220 -23.67 -15.55 -17.82
C PRO A 220 -24.90 -16.10 -18.53
N PRO A 221 -26.02 -15.38 -18.46
CA PRO A 221 -27.22 -15.78 -19.22
C PRO A 221 -26.93 -15.85 -20.70
N PRO A 222 -27.70 -16.64 -21.45
CA PRO A 222 -27.43 -16.76 -22.90
C PRO A 222 -27.40 -15.44 -23.64
N ASN A 223 -28.34 -14.55 -23.34
CA ASN A 223 -28.44 -13.25 -23.97
C ASN A 223 -27.27 -12.33 -23.62
N PHE A 224 -26.49 -12.67 -22.59
CA PHE A 224 -25.55 -11.73 -21.99
C PHE A 224 -24.31 -11.57 -22.84
N ASN A 225 -23.94 -10.32 -23.10
CA ASN A 225 -22.71 -10.01 -23.84
C ASN A 225 -21.89 -9.01 -23.04
N PHE A 226 -20.76 -9.47 -22.51
CA PHE A 226 -20.06 -8.67 -21.51
C PHE A 226 -19.61 -7.33 -22.08
N ASP A 227 -19.14 -7.30 -23.33
CA ASP A 227 -18.58 -6.06 -23.86
C ASP A 227 -19.61 -4.95 -23.92
N GLU A 228 -20.83 -5.27 -24.38
CA GLU A 228 -21.85 -4.24 -24.33
C GLU A 228 -22.28 -3.97 -22.89
N PHE A 229 -22.26 -4.99 -22.03
CA PHE A 229 -22.52 -4.76 -20.61
C PHE A 229 -21.45 -3.85 -20.01
N PHE A 230 -20.19 -4.15 -20.27
CA PHE A 230 -19.11 -3.32 -19.75
C PHE A 230 -19.23 -1.89 -20.24
N THR A 231 -19.46 -1.71 -21.55
CA THR A 231 -19.66 -0.37 -22.09
C THR A 231 -20.79 0.37 -21.37
N LYS A 232 -21.86 -0.33 -21.00
CA LYS A 232 -22.93 0.36 -20.29
C LYS A 232 -22.50 0.77 -18.90
N CYS A 233 -21.75 -0.11 -18.20
CA CYS A 233 -21.24 0.24 -16.87
C CYS A 233 -20.33 1.45 -16.89
N THR A 234 -19.50 1.61 -17.94
CA THR A 234 -18.65 2.79 -18.01
C THR A 234 -19.43 4.09 -17.93
N THR A 235 -20.74 4.07 -18.26
CA THR A 235 -21.58 5.23 -18.02
C THR A 235 -21.40 5.78 -16.62
N PHE A 236 -21.17 4.90 -15.64
CA PHE A 236 -21.10 5.33 -14.25
C PHE A 236 -19.66 5.55 -13.77
N MET A 237 -18.69 5.44 -14.66
N MET A 237 -18.69 5.44 -14.66
CA MET A 237 -17.28 5.67 -14.32
CA MET A 237 -17.29 5.68 -14.32
C MET A 237 -16.90 7.07 -14.82
C MET A 237 -16.92 7.07 -14.83
N HIS A 238 -16.87 8.04 -13.90
CA HIS A 238 -16.65 9.44 -14.28
C HIS A 238 -15.41 9.64 -15.12
N TYR A 239 -14.34 8.88 -14.86
CA TYR A 239 -13.04 9.18 -15.45
C TYR A 239 -12.57 8.10 -16.41
N TYR A 240 -13.48 7.24 -16.91
CA TYR A 240 -13.07 6.23 -17.88
C TYR A 240 -12.78 6.90 -19.23
N PRO A 241 -11.63 6.61 -19.84
CA PRO A 241 -11.28 7.27 -21.09
C PRO A 241 -12.20 6.84 -22.23
N SER A 242 -12.66 7.81 -23.02
CA SER A 242 -13.65 7.58 -24.08
C SER A 242 -13.46 8.61 -25.18
N GLY A 243 -14.31 8.50 -26.20
CA GLY A 243 -14.30 9.50 -27.26
C GLY A 243 -12.98 9.48 -28.01
N GLU A 244 -12.40 10.66 -28.20
CA GLU A 244 -11.07 10.73 -28.79
C GLU A 244 -9.99 10.13 -27.89
N HIS A 245 -10.30 9.90 -26.62
CA HIS A 245 -9.31 9.39 -25.69
C HIS A 245 -9.53 7.92 -25.34
N LYS A 246 -10.31 7.19 -26.16
CA LYS A 246 -10.63 5.81 -25.83
C LYS A 246 -9.40 4.91 -25.76
N ASN A 247 -8.31 5.25 -26.43
CA ASN A 247 -7.16 4.35 -26.43
C ASN A 247 -6.15 4.65 -25.31
N LEU A 248 -6.44 5.61 -24.44
CA LEU A 248 -5.60 5.90 -23.28
C LEU A 248 -5.92 4.97 -22.12
N LEU A 249 -4.89 4.65 -21.33
CA LEU A 249 -5.14 3.84 -20.14
C LEU A 249 -5.66 4.69 -18.99
N ARG A 250 -5.35 5.98 -18.98
CA ARG A 250 -5.72 6.86 -17.88
C ARG A 250 -6.04 8.22 -18.47
N LEU A 251 -7.13 8.84 -17.99
CA LEU A 251 -7.43 10.21 -18.37
C LEU A 251 -6.38 11.17 -17.82
N ALA A 252 -5.67 10.78 -16.78
CA ALA A 252 -4.58 11.54 -16.22
C ALA A 252 -3.45 11.80 -17.20
N CME A 253 -3.40 11.05 -18.30
CA CME A 253 -2.38 11.30 -19.29
CB CME A 253 -2.24 10.18 -20.34
SG CME A 253 -2.04 8.56 -19.67
SD CME A 253 -0.46 8.62 -18.28
CE CME A 253 -1.07 9.20 -16.72
CZ CME A 253 0.02 9.20 -15.67
OH CME A 253 1.29 9.47 -16.28
C CME A 253 -2.68 12.62 -20.03
O CME A 253 -1.80 13.23 -20.68
N THR A 254 -3.94 13.05 -19.98
CA THR A 254 -4.37 14.26 -20.69
C THR A 254 -4.27 15.53 -19.84
N LEU A 255 -3.79 15.45 -18.59
CA LEU A 255 -3.69 16.65 -17.76
C LEU A 255 -2.79 17.68 -18.41
N LYS A 256 -3.16 18.95 -18.22
CA LYS A 256 -2.41 20.08 -18.76
C LYS A 256 -1.88 20.92 -17.61
N PRO A 257 -0.82 21.70 -17.83
CA PRO A 257 -0.22 22.49 -16.75
C PRO A 257 -1.28 23.30 -16.01
N ASP A 258 -1.09 23.41 -14.72
CA ASP A 258 -2.05 24.00 -13.80
C ASP A 258 -1.29 24.12 -12.50
N PRO A 259 -0.65 25.27 -12.22
CA PRO A 259 0.20 25.37 -11.02
C PRO A 259 -0.51 24.99 -9.73
N GLU A 260 -1.75 25.45 -9.51
CA GLU A 260 -2.45 25.15 -8.27
C GLU A 260 -2.67 23.65 -8.10
N LEU A 261 -3.05 22.96 -9.17
CA LEU A 261 -3.29 21.52 -9.05
C LEU A 261 -1.97 20.77 -8.86
N GLU A 262 -0.90 21.19 -9.53
CA GLU A 262 0.35 20.50 -9.36
C GLU A 262 0.94 20.74 -7.98
N MET A 263 0.77 21.97 -7.46
CA MET A 263 1.17 22.28 -6.10
C MET A 263 0.58 21.29 -5.10
N SER A 264 -0.71 21.00 -5.20
CA SER A 264 -1.22 20.07 -4.20
C SER A 264 -0.87 18.61 -4.53
N LEU A 265 -0.75 18.25 -5.80
CA LEU A 265 -0.39 16.88 -6.13
C LEU A 265 1.05 16.55 -5.75
N GLN A 266 1.97 17.52 -5.89
CA GLN A 266 3.34 17.18 -5.61
C GLN A 266 3.54 16.89 -4.13
N LYS A 267 2.68 17.43 -3.26
CA LYS A 267 2.81 17.14 -1.83
C LYS A 267 2.68 15.66 -1.49
N TYR A 268 2.09 14.84 -2.37
CA TYR A 268 1.93 13.42 -2.08
C TYR A 268 3.15 12.58 -2.46
N VAL A 269 4.17 13.19 -3.06
CA VAL A 269 5.26 12.48 -3.72
C VAL A 269 6.56 12.87 -3.05
N MET A 270 7.41 11.87 -2.75
N MET A 270 7.40 11.87 -2.74
CA MET A 270 8.69 12.10 -2.11
CA MET A 270 8.71 12.10 -2.17
C MET A 270 9.59 12.98 -2.97
C MET A 270 9.50 13.10 -2.99
N GLU A 271 10.38 13.84 -2.31
CA GLU A 271 11.21 14.81 -3.00
C GLU A 271 12.23 14.16 -3.93
N SER A 272 12.76 12.98 -3.57
CA SER A 272 13.70 12.34 -4.48
C SER A 272 13.01 11.90 -5.76
N ILE A 273 11.74 11.50 -5.68
CA ILE A 273 10.98 11.17 -6.87
C ILE A 273 10.76 12.41 -7.73
N LEU A 274 10.40 13.52 -7.07
CA LEU A 274 10.22 14.79 -7.75
C LEU A 274 11.49 15.24 -8.45
N LYS A 275 12.65 14.99 -7.85
CA LYS A 275 13.90 15.32 -8.51
C LYS A 275 14.00 14.60 -9.84
N GLN A 276 13.70 13.29 -9.86
CA GLN A 276 13.75 12.52 -11.10
C GLN A 276 12.67 12.95 -12.08
N ILE A 277 11.48 13.24 -11.58
CA ILE A 277 10.45 13.78 -12.47
C ILE A 277 10.95 15.04 -13.17
N ASP A 278 11.76 15.83 -12.46
CA ASP A 278 12.27 17.09 -13.00
C ASP A 278 13.56 16.90 -13.79
N ASN A 279 13.92 15.64 -14.10
CA ASN A 279 15.11 15.35 -14.90
C ASN A 279 16.33 16.05 -14.30
N LYS A 280 16.38 16.10 -12.98
CA LYS A 280 17.55 16.53 -12.25
C LYS A 280 18.31 15.36 -11.63
N GLN A 281 18.00 14.15 -12.05
CA GLN A 281 18.64 12.97 -11.52
C GLN A 281 18.50 11.84 -12.50
N LEU A 282 19.54 11.03 -12.60
CA LEU A 282 19.52 9.88 -13.50
C LEU A 282 18.30 9.00 -13.21
N GLN A 283 17.50 8.76 -14.25
CA GLN A 283 16.27 7.99 -14.11
C GLN A 283 16.50 6.60 -13.56
N GLY A 284 17.74 6.09 -13.58
CA GLY A 284 18.01 4.75 -13.12
C GLY A 284 18.64 4.73 -11.75
N TYR A 285 18.68 5.91 -11.13
CA TYR A 285 19.29 6.09 -9.84
C TYR A 285 18.46 5.53 -8.69
N LEU A 286 17.16 5.30 -8.91
CA LEU A 286 16.30 4.90 -7.81
C LEU A 286 16.08 3.41 -7.67
N SER A 287 16.46 2.60 -8.64
CA SER A 287 16.34 1.15 -8.49
C SER A 287 17.64 0.64 -7.88
N GLU A 288 17.59 0.27 -6.60
CA GLU A 288 18.79 -0.09 -5.85
C GLU A 288 18.52 -1.27 -4.92
N LEU A 289 19.54 -2.08 -4.72
CA LEU A 289 19.60 -2.93 -3.53
C LEU A 289 20.54 -2.22 -2.58
N ARG A 290 19.97 -1.70 -1.51
CA ARG A 290 20.66 -0.75 -0.66
C ARG A 290 20.53 -1.18 0.79
N PRO A 291 21.55 -0.98 1.61
CA PRO A 291 21.36 -1.19 3.05
C PRO A 291 20.46 -0.10 3.62
N VAL A 292 19.38 -0.50 4.28
CA VAL A 292 18.53 0.50 4.93
C VAL A 292 18.16 0.00 6.32
N THR A 293 17.60 0.90 7.10
CA THR A 293 16.89 0.55 8.32
C THR A 293 15.42 0.88 8.13
N ILE A 294 14.58 -0.10 8.37
CA ILE A 294 13.13 0.04 8.29
C ILE A 294 12.62 0.29 9.70
N VAL A 295 11.81 1.32 9.87
CA VAL A 295 11.12 1.60 11.13
C VAL A 295 9.63 1.56 10.83
N PHE A 296 8.95 0.51 11.30
CA PHE A 296 7.55 0.28 10.99
C PHE A 296 6.71 0.57 12.22
N VAL A 297 5.95 1.65 12.17
CA VAL A 297 5.24 2.20 13.31
C VAL A 297 3.77 1.84 13.18
N ASN A 298 3.21 1.19 14.20
CA ASN A 298 1.81 0.79 14.17
C ASN A 298 1.04 1.53 15.26
N LEU A 299 -0.04 2.20 14.86
CA LEU A 299 -0.94 2.93 15.73
C LEU A 299 -2.27 2.20 15.74
N MET A 300 -2.59 1.55 16.85
CA MET A 300 -3.80 0.76 16.97
C MET A 300 -4.91 1.56 17.66
N PHE A 301 -6.12 1.45 17.13
CA PHE A 301 -7.33 2.01 17.68
C PHE A 301 -8.27 0.89 18.09
N GLU A 302 -9.29 1.23 18.87
CA GLU A 302 -10.19 0.19 19.34
C GLU A 302 -11.28 -0.09 18.30
N ASP A 303 -11.96 -1.23 18.49
CA ASP A 303 -13.01 -1.64 17.56
C ASP A 303 -14.10 -0.57 17.43
N GLN A 304 -14.42 0.10 18.54
CA GLN A 304 -15.52 1.06 18.54
C GLN A 304 -15.22 2.26 17.67
N ASP A 305 -13.95 2.68 17.62
CA ASP A 305 -13.57 3.94 16.99
C ASP A 305 -14.06 4.03 15.56
N LYS A 306 -14.73 5.14 15.25
CA LYS A 306 -15.19 5.42 13.90
C LYS A 306 -14.25 6.42 13.23
N ALA A 307 -14.32 6.43 11.90
CA ALA A 307 -13.40 7.24 11.10
C ALA A 307 -13.35 8.71 11.56
N GLU A 308 -14.46 9.24 12.05
CA GLU A 308 -14.48 10.64 12.46
C GLU A 308 -13.50 10.91 13.59
N GLU A 309 -13.31 9.94 14.49
CA GLU A 309 -12.36 10.08 15.59
C GLU A 309 -10.96 9.62 15.21
N ILE A 310 -10.85 8.72 14.23
CA ILE A 310 -9.56 8.18 13.82
C ILE A 310 -8.70 9.26 13.18
N GLY A 311 -9.25 9.95 12.19
CA GLY A 311 -8.53 10.92 11.41
C GLY A 311 -7.76 11.96 12.20
N PRO A 312 -8.39 12.56 13.23
CA PRO A 312 -7.64 13.53 14.03
C PRO A 312 -6.46 12.94 14.77
N ALA A 313 -6.56 11.69 15.20
CA ALA A 313 -5.45 11.07 15.92
C ALA A 313 -4.28 10.81 14.99
N ILE A 314 -4.57 10.30 13.79
CA ILE A 314 -3.53 10.06 12.80
C ILE A 314 -2.87 11.38 12.39
N GLN A 315 -3.69 12.41 12.17
CA GLN A 315 -3.12 13.73 11.88
C GLN A 315 -2.17 14.15 12.99
N ASP A 316 -2.60 14.03 14.24
CA ASP A 316 -1.75 14.46 15.35
C ASP A 316 -0.56 13.55 15.52
N ALA A 317 -0.73 12.26 15.30
CA ALA A 317 0.44 11.39 15.29
C ALA A 317 1.37 11.74 14.14
N TYR A 318 0.79 11.97 12.95
CA TYR A 318 1.65 12.23 11.81
C TYR A 318 2.45 13.50 12.02
N MET A 319 1.84 14.54 12.60
CA MET A 319 2.56 15.80 12.79
C MET A 319 3.84 15.59 13.57
N HIS A 320 3.80 14.75 14.60
CA HIS A 320 5.04 14.51 15.34
C HIS A 320 5.97 13.59 14.57
N ILE A 321 5.43 12.58 13.90
CA ILE A 321 6.26 11.61 13.19
C ILE A 321 7.13 12.33 12.16
N THR A 322 6.54 13.25 11.41
CA THR A 322 7.32 13.88 10.35
C THR A 322 8.45 14.74 10.94
N SER A 323 8.19 15.46 12.05
CA SER A 323 9.24 16.31 12.62
C SER A 323 10.39 15.49 13.20
N VAL A 324 10.08 14.36 13.84
CA VAL A 324 11.14 13.49 14.34
C VAL A 324 11.91 12.85 13.18
N LEU A 325 11.21 12.43 12.13
CA LEU A 325 11.90 11.81 11.00
C LEU A 325 12.85 12.80 10.35
N LYS A 326 12.40 14.05 10.16
CA LYS A 326 13.28 15.03 9.54
C LYS A 326 14.52 15.25 10.39
N ILE A 327 14.37 15.23 11.72
CA ILE A 327 15.50 15.44 12.61
C ILE A 327 16.51 14.30 12.48
N PHE A 328 16.03 13.06 12.49
CA PHE A 328 16.91 11.91 12.35
C PHE A 328 17.15 11.54 10.90
N GLN A 329 16.60 12.31 9.96
CA GLN A 329 16.82 12.11 8.51
C GLN A 329 16.22 10.78 8.03
N GLY A 330 14.95 10.58 8.32
CA GLY A 330 14.19 9.45 7.80
C GLY A 330 13.06 9.95 6.93
N GLN A 331 12.41 9.02 6.24
CA GLN A 331 11.28 9.37 5.39
C GLN A 331 10.13 8.42 5.62
N ILE A 332 8.92 8.91 5.35
CA ILE A 332 7.78 8.00 5.25
C ILE A 332 7.77 7.42 3.83
N ASN A 333 7.83 6.09 3.73
CA ASN A 333 7.71 5.46 2.44
C ASN A 333 6.26 5.10 2.10
N LYS A 334 5.51 4.63 3.08
CA LYS A 334 4.17 4.14 2.80
C LYS A 334 3.36 4.21 4.08
N VAL A 335 2.07 4.51 3.96
CA VAL A 335 1.13 4.49 5.07
C VAL A 335 0.03 3.50 4.72
N PHE A 336 -0.33 2.65 5.68
CA PHE A 336 -1.39 1.68 5.44
C PHE A 336 -2.38 1.70 6.58
N MET A 337 -3.53 1.03 6.39
CA MET A 337 -4.40 0.80 7.54
C MET A 337 -5.32 -0.39 7.31
N PHE A 338 -5.42 -1.25 8.32
CA PHE A 338 -6.36 -2.36 8.34
C PHE A 338 -6.32 -3.00 9.72
N ASP A 339 -7.44 -3.60 10.11
CA ASP A 339 -7.59 -4.22 11.43
C ASP A 339 -7.42 -3.17 12.53
N LYS A 340 -7.99 -2.00 12.30
CA LYS A 340 -7.96 -0.89 13.25
C LYS A 340 -6.54 -0.42 13.54
N GLY A 341 -5.54 -0.83 12.74
CA GLY A 341 -4.21 -0.29 12.90
C GLY A 341 -3.67 0.50 11.72
N CYS A 342 -3.27 1.75 11.95
CA CYS A 342 -2.64 2.58 10.92
C CYS A 342 -1.13 2.46 11.06
N SER A 343 -0.46 2.02 10.00
CA SER A 343 0.96 1.77 10.08
C SER A 343 1.73 2.66 9.10
N PHE A 344 2.89 3.14 9.53
CA PHE A 344 3.77 3.99 8.74
C PHE A 344 5.06 3.23 8.43
N LEU A 345 5.32 2.97 7.15
CA LEU A 345 6.59 2.32 6.77
C LEU A 345 7.63 3.42 6.59
N CYS A 346 8.55 3.52 7.55
CA CYS A 346 9.57 4.55 7.53
C CYS A 346 10.93 3.94 7.24
N VAL A 347 11.73 4.64 6.47
CA VAL A 347 13.03 4.12 6.02
C VAL A 347 14.11 5.12 6.38
N PHE A 348 15.26 4.61 6.82
CA PHE A 348 16.46 5.40 7.03
C PHE A 348 17.52 4.92 6.05
N GLY A 349 18.27 5.85 5.48
CA GLY A 349 19.13 5.58 4.33
C GLY A 349 18.42 5.94 3.03
N PHE A 350 19.06 5.57 1.93
CA PHE A 350 18.61 5.92 0.57
C PHE A 350 18.16 7.36 0.42
N LYS A 354 22.43 8.21 3.32
CA LYS A 354 22.84 7.40 4.47
C LYS A 354 23.80 8.18 5.38
N VAL A 355 23.81 7.80 6.66
CA VAL A 355 24.58 8.48 7.70
C VAL A 355 25.36 7.43 8.48
N PRO A 356 26.57 7.73 8.99
CA PRO A 356 27.36 6.70 9.70
C PRO A 356 26.61 5.97 10.80
N ASP A 357 26.05 6.71 11.76
N ASP A 357 26.06 6.70 11.77
CA ASP A 357 25.33 6.08 12.85
CA ASP A 357 25.32 6.09 12.88
C ASP A 357 23.83 6.10 12.58
C ASP A 357 23.82 6.08 12.59
N GLU A 358 23.47 5.49 11.45
CA GLU A 358 22.07 5.37 11.07
C GLU A 358 21.28 4.53 12.07
N LEU A 359 21.89 3.50 12.66
CA LEU A 359 21.13 2.60 13.52
C LEU A 359 20.70 3.28 14.79
N THR A 360 21.65 3.89 15.51
CA THR A 360 21.32 4.63 16.72
C THR A 360 20.23 5.66 16.44
N HIS A 361 20.39 6.42 15.36
CA HIS A 361 19.37 7.41 15.02
C HIS A 361 18.02 6.76 14.73
N ALA A 362 18.02 5.58 14.12
CA ALA A 362 16.76 4.89 13.89
C ALA A 362 16.10 4.50 15.22
N LEU A 363 16.88 3.96 16.16
CA LEU A 363 16.29 3.56 17.44
C LEU A 363 15.79 4.78 18.22
N GLU A 364 16.62 5.82 18.33
CA GLU A 364 16.18 7.03 19.02
C GLU A 364 14.96 7.63 18.34
N CYS A 365 14.91 7.61 17.02
CA CYS A 365 13.70 8.08 16.35
C CYS A 365 12.50 7.22 16.74
N ALA A 366 12.68 5.90 16.80
CA ALA A 366 11.56 5.03 17.18
C ALA A 366 11.06 5.35 18.58
N MET A 367 11.99 5.44 19.55
CA MET A 367 11.61 5.68 20.93
C MET A 367 10.87 7.01 21.05
N ASP A 368 11.37 8.05 20.39
CA ASP A 368 10.70 9.33 20.41
C ASP A 368 9.27 9.20 19.86
N ILE A 369 9.14 8.60 18.67
CA ILE A 369 7.82 8.32 18.11
C ILE A 369 6.98 7.53 19.10
N PHE A 370 7.56 6.48 19.69
CA PHE A 370 6.80 5.69 20.65
C PHE A 370 6.29 6.55 21.82
N ASP A 371 7.15 7.42 22.35
CA ASP A 371 6.78 8.20 23.54
C ASP A 371 5.65 9.16 23.24
N PHE A 372 5.76 9.93 22.16
CA PHE A 372 4.74 10.93 21.86
C PHE A 372 3.44 10.28 21.45
N CYS A 373 3.51 9.32 20.52
CA CYS A 373 2.28 8.73 19.99
C CYS A 373 1.48 8.01 21.05
N SER A 374 2.17 7.34 21.99
CA SER A 374 1.46 6.63 23.05
C SER A 374 0.68 7.58 23.95
N GLN A 375 0.90 8.89 23.83
CA GLN A 375 0.14 9.88 24.58
C GLN A 375 -0.98 10.51 23.76
N VAL A 376 -1.01 10.33 22.44
CA VAL A 376 -2.16 10.79 21.66
C VAL A 376 -3.37 9.98 22.07
N HIS A 377 -4.47 10.65 22.38
CA HIS A 377 -5.59 9.86 22.84
C HIS A 377 -6.44 9.43 21.65
N LYS A 378 -7.19 8.37 21.86
CA LYS A 378 -7.83 7.47 20.90
C LYS A 378 -6.81 6.48 20.35
N ILE A 379 -5.51 6.66 20.56
CA ILE A 379 -4.53 5.65 20.17
C ILE A 379 -4.38 4.67 21.34
N GLN A 380 -4.85 3.44 21.14
CA GLN A 380 -4.81 2.48 22.24
C GLN A 380 -3.41 1.91 22.41
N THR A 381 -2.66 1.72 21.32
CA THR A 381 -1.39 1.03 21.39
C THR A 381 -0.46 1.54 20.30
N VAL A 382 0.81 1.67 20.66
CA VAL A 382 1.85 2.00 19.71
C VAL A 382 2.84 0.86 19.70
N SER A 383 3.15 0.34 18.51
CA SER A 383 4.14 -0.71 18.34
C SER A 383 5.05 -0.30 17.18
N ILE A 384 6.35 -0.58 17.33
CA ILE A 384 7.31 -0.17 16.32
C ILE A 384 8.36 -1.25 16.14
N GLY A 385 8.45 -1.81 14.94
CA GLY A 385 9.48 -2.77 14.60
C GLY A 385 10.60 -2.09 13.83
N VAL A 386 11.84 -2.46 14.14
CA VAL A 386 13.03 -1.91 13.50
C VAL A 386 13.90 -3.05 12.99
N ALA A 387 14.16 -3.07 11.69
CA ALA A 387 15.05 -4.04 11.08
C ALA A 387 15.97 -3.33 10.10
N SER A 388 17.15 -3.92 9.89
CA SER A 388 18.16 -3.33 9.02
C SER A 388 18.76 -4.41 8.14
N GLY A 389 19.05 -4.03 6.90
CA GLY A 389 19.62 -4.96 5.94
C GLY A 389 19.54 -4.35 4.55
N ILE A 390 19.69 -5.24 3.58
CA ILE A 390 19.62 -4.88 2.18
C ILE A 390 18.19 -5.04 1.72
N VAL A 391 17.62 -3.97 1.17
CA VAL A 391 16.28 -4.04 0.61
C VAL A 391 16.29 -3.47 -0.80
N PHE A 392 15.40 -3.98 -1.62
CA PHE A 392 15.20 -3.38 -2.93
C PHE A 392 14.38 -2.11 -2.79
N CYS A 393 14.82 -1.06 -3.49
CA CYS A 393 14.11 0.21 -3.60
C CYS A 393 13.94 0.51 -5.08
N GLY A 394 12.72 0.80 -5.51
CA GLY A 394 12.53 1.08 -6.93
C GLY A 394 11.14 1.58 -7.21
N ILE A 395 10.95 2.02 -8.45
CA ILE A 395 9.65 2.45 -8.91
C ILE A 395 8.97 1.25 -9.55
N VAL A 396 7.85 0.84 -8.97
CA VAL A 396 7.18 -0.40 -9.34
C VAL A 396 5.80 -0.07 -9.87
N GLY A 397 5.42 -0.71 -10.96
CA GLY A 397 4.11 -0.55 -11.55
C GLY A 397 4.18 -0.48 -13.06
N HIS A 398 3.34 0.37 -13.61
CA HIS A 398 3.19 0.58 -15.04
C HIS A 398 3.65 2.00 -15.34
N THR A 399 4.05 2.20 -16.59
CA THR A 399 4.41 3.53 -17.07
C THR A 399 3.43 4.59 -16.59
N VAL A 400 2.13 4.29 -16.65
CA VAL A 400 1.13 5.31 -16.35
C VAL A 400 0.67 5.25 -14.91
N ARG A 401 1.12 4.27 -14.14
CA ARG A 401 0.68 4.16 -12.74
C ARG A 401 1.71 3.35 -11.97
N HIS A 402 2.50 4.02 -11.12
CA HIS A 402 3.63 3.40 -10.44
C HIS A 402 3.92 4.15 -9.16
N GLU A 403 4.67 3.51 -8.26
CA GLU A 403 5.06 4.13 -6.99
C GLU A 403 6.43 3.62 -6.54
N TYR A 404 7.22 4.51 -5.95
CA TYR A 404 8.39 4.10 -5.19
C TYR A 404 8.02 3.15 -4.05
N THR A 405 8.79 2.07 -3.91
CA THR A 405 8.38 0.97 -3.05
C THR A 405 9.64 0.26 -2.56
N VAL A 406 9.60 -0.24 -1.33
CA VAL A 406 10.72 -1.02 -0.79
C VAL A 406 10.22 -2.45 -0.63
N ILE A 407 11.11 -3.41 -0.92
CA ILE A 407 10.78 -4.84 -0.89
C ILE A 407 11.94 -5.58 -0.27
N GLY A 408 11.63 -6.57 0.56
CA GLY A 408 12.69 -7.38 1.14
C GLY A 408 12.27 -8.04 2.43
N GLN A 409 13.06 -9.04 2.85
CA GLN A 409 12.72 -9.78 4.05
C GLN A 409 12.76 -8.89 5.27
N LYS A 410 13.69 -7.94 5.31
CA LYS A 410 13.75 -7.02 6.43
C LYS A 410 12.54 -6.10 6.49
N VAL A 411 11.89 -5.85 5.35
CA VAL A 411 10.65 -5.09 5.37
C VAL A 411 9.56 -5.91 6.05
N ASN A 412 9.48 -7.22 5.72
CA ASN A 412 8.46 -8.07 6.32
C ASN A 412 8.74 -8.31 7.80
N LEU A 413 10.02 -8.33 8.18
CA LEU A 413 10.37 -8.56 9.57
C LEU A 413 9.87 -7.42 10.46
N ALA A 414 10.20 -6.18 10.09
CA ALA A 414 9.72 -5.04 10.87
C ALA A 414 8.20 -5.04 10.94
N ALA A 415 7.54 -5.44 9.84
CA ALA A 415 6.09 -5.51 9.85
C ALA A 415 5.59 -6.58 10.82
N ARG A 416 6.20 -7.76 10.84
CA ARG A 416 5.72 -8.81 11.74
C ARG A 416 6.12 -8.54 13.17
N MET A 417 7.25 -7.86 13.37
CA MET A 417 7.63 -7.52 14.74
C MET A 417 6.61 -6.60 15.39
N MET A 418 6.23 -5.52 14.70
CA MET A 418 5.28 -4.61 15.31
C MET A 418 3.90 -5.24 15.49
N MET A 419 3.63 -6.36 14.83
N MET A 419 3.62 -6.34 14.78
CA MET A 419 2.37 -7.03 15.07
CA MET A 419 2.38 -7.09 14.94
C MET A 419 2.49 -8.08 16.17
C MET A 419 2.48 -8.10 16.08
N TYR A 420 3.59 -8.83 16.19
CA TYR A 420 3.76 -9.91 17.16
C TYR A 420 4.25 -9.43 18.53
N TYR A 421 4.76 -8.22 18.62
CA TYR A 421 5.24 -7.64 19.88
C TYR A 421 4.58 -6.28 20.03
N PRO A 422 3.29 -6.24 20.25
CA PRO A 422 2.60 -4.95 20.42
C PRO A 422 3.12 -4.23 21.64
N GLY A 423 2.96 -2.90 21.62
CA GLY A 423 3.16 -2.09 22.79
C GLY A 423 4.57 -1.64 23.07
N ILE A 424 5.56 -2.20 22.37
CA ILE A 424 6.96 -1.88 22.62
C ILE A 424 7.65 -1.50 21.32
N VAL A 425 8.92 -1.16 21.44
CA VAL A 425 9.81 -0.93 20.31
C VAL A 425 10.72 -2.16 20.21
N THR A 426 10.64 -2.87 19.10
CA THR A 426 11.52 -4.01 18.90
C THR A 426 12.52 -3.69 17.80
N CYS A 427 13.64 -4.41 17.81
CA CYS A 427 14.65 -4.26 16.77
C CYS A 427 15.28 -5.62 16.52
N ASP A 428 15.99 -5.74 15.39
CA ASP A 428 16.55 -7.03 15.02
C ASP A 428 18.02 -7.12 15.48
N SER A 429 18.62 -8.27 15.21
CA SER A 429 20.00 -8.48 15.66
C SER A 429 20.97 -7.53 14.96
N VAL A 430 20.75 -7.29 13.67
CA VAL A 430 21.63 -6.39 12.92
C VAL A 430 21.64 -5.00 13.53
N THR A 431 20.44 -4.45 13.74
CA THR A 431 20.30 -3.15 14.39
C THR A 431 20.90 -3.15 15.79
N TYR A 432 20.69 -4.23 16.54
CA TYR A 432 21.18 -4.26 17.91
C TYR A 432 22.71 -4.13 17.96
N ASN A 433 23.42 -5.03 17.26
CA ASN A 433 24.88 -5.00 17.30
C ASN A 433 25.44 -3.72 16.69
N GLY A 434 24.83 -3.24 15.60
CA GLY A 434 25.38 -2.11 14.90
C GLY A 434 25.21 -0.77 15.60
N SER A 435 24.31 -0.67 16.58
CA SER A 435 24.12 0.61 17.26
C SER A 435 25.36 0.99 18.08
N ASN A 436 25.51 2.28 18.31
CA ASN A 436 26.60 2.74 19.18
C ASN A 436 26.18 2.83 20.63
N LEU A 437 24.99 2.35 20.95
CA LEU A 437 24.45 2.36 22.31
C LEU A 437 24.83 1.06 23.02
N PRO A 438 24.89 1.08 24.35
CA PRO A 438 25.29 -0.12 25.10
C PRO A 438 24.15 -1.12 25.23
N ALA A 439 24.53 -2.34 25.57
CA ALA A 439 23.57 -3.44 25.60
C ALA A 439 22.38 -3.13 26.51
N TYR A 440 22.63 -2.76 27.77
CA TYR A 440 21.53 -2.63 28.74
C TYR A 440 20.44 -1.65 28.30
N PHE A 441 20.66 -0.92 27.22
CA PHE A 441 19.58 -0.18 26.58
C PHE A 441 18.54 -1.10 25.94
N PHE A 442 18.88 -2.38 25.76
CA PHE A 442 18.04 -3.38 25.13
C PHE A 442 17.66 -4.46 26.13
N LYS A 443 16.72 -5.31 25.71
CA LYS A 443 16.30 -6.51 26.42
C LYS A 443 16.01 -7.57 25.37
N GLU A 444 16.73 -8.68 25.43
CA GLU A 444 16.44 -9.76 24.50
C GLU A 444 15.05 -10.32 24.77
N LEU A 445 14.38 -10.74 23.72
CA LEU A 445 12.99 -11.15 23.80
C LEU A 445 12.80 -12.62 23.47
N PRO A 446 11.71 -13.24 23.94
CA PRO A 446 11.40 -14.60 23.52
C PRO A 446 11.06 -14.66 22.04
N LYS A 447 11.75 -15.54 21.31
CA LYS A 447 11.54 -15.64 19.87
C LYS A 447 10.24 -16.41 19.59
N LYS A 448 9.23 -15.68 19.12
CA LYS A 448 7.96 -16.26 18.70
C LYS A 448 7.98 -16.64 17.22
N VAL A 449 7.13 -17.61 16.86
CA VAL A 449 6.94 -18.00 15.47
C VAL A 449 5.96 -17.02 14.81
N MET A 450 6.35 -16.50 13.64
CA MET A 450 5.59 -15.48 12.92
C MET A 450 5.25 -15.95 11.50
N LYS A 451 4.26 -15.28 10.88
CA LYS A 451 3.68 -15.66 9.58
C LYS A 451 4.71 -15.44 8.47
N GLY A 452 5.63 -16.39 8.30
CA GLY A 452 6.63 -16.28 7.25
C GLY A 452 7.87 -15.62 7.78
N VAL A 453 8.51 -16.30 8.73
CA VAL A 453 9.74 -15.85 9.34
C VAL A 453 10.69 -17.03 9.39
N ALA A 454 11.73 -16.99 8.54
CA ALA A 454 12.75 -18.03 8.50
C ALA A 454 13.85 -17.69 9.51
N ASP A 455 13.47 -17.86 10.78
CA ASP A 455 14.25 -17.48 11.95
C ASP A 455 14.89 -16.10 11.83
N SER A 456 14.07 -15.10 12.12
CA SER A 456 14.48 -13.76 12.54
C SER A 456 15.93 -13.63 12.99
N GLY A 457 16.39 -14.54 13.84
CA GLY A 457 17.58 -14.31 14.64
C GLY A 457 17.13 -13.75 15.96
N PRO A 458 18.07 -13.36 16.82
CA PRO A 458 17.67 -12.78 18.11
C PRO A 458 16.99 -11.43 17.94
N LEU A 459 15.88 -11.24 18.64
CA LEU A 459 15.16 -9.99 18.64
C LEU A 459 15.31 -9.30 19.99
N TYR A 460 15.26 -7.97 19.99
CA TYR A 460 15.46 -7.20 21.20
C TYR A 460 14.33 -6.18 21.37
N GLN A 461 14.05 -5.84 22.62
CA GLN A 461 13.24 -4.68 22.93
C GLN A 461 14.18 -3.51 23.14
N TYR A 462 13.89 -2.37 22.52
CA TYR A 462 14.67 -1.19 22.83
C TYR A 462 14.09 -0.62 24.12
N TRP A 463 14.83 -0.77 25.21
CA TRP A 463 14.31 -0.38 26.51
C TRP A 463 14.43 1.12 26.74
N GLY A 464 15.54 1.70 26.34
CA GLY A 464 15.85 3.09 26.60
C GLY A 464 17.11 3.24 27.42
N ARG A 465 17.35 4.46 27.88
CA ARG A 465 18.58 4.76 28.59
C ARG A 465 18.58 4.25 30.03
N THR A 466 17.44 4.29 30.71
CA THR A 466 17.37 3.84 32.09
C THR A 466 16.11 3.00 32.27
N GLU A 467 15.93 2.51 33.50
CA GLU A 467 14.84 1.59 33.83
C GLU A 467 13.47 2.25 33.67
C02 1S2 B . -5.52 1.55 3.28
C04 1S2 B . -3.90 0.47 1.71
C05 1S2 B . -4.05 1.59 0.75
C06 1S2 B . -4.95 2.69 1.11
C08 1S2 B . -1.62 -2.36 1.11
C09 1S2 B . -2.49 -1.70 1.97
C10 1S2 B . -2.95 -0.61 1.29
C12 1S2 B . -3.91 -4.50 3.26
C13 1S2 B . -5.12 -5.42 3.17
C14 1S2 B . -6.53 -4.85 3.15
C15 1S2 B . -6.72 -3.35 3.21
C16 1S2 B . -5.50 -2.42 3.30
C17 1S2 B . -4.10 -2.99 3.31
C18 1S2 B . -0.82 -1.97 -1.27
C19 1S2 B . -0.86 -3.64 1.45
C20 1S2 B . -2.87 -2.09 3.39
N01 1S2 B . -5.65 2.66 2.34
N03 1S2 B . -4.63 0.45 2.94
N07 1S2 B . -1.56 -1.68 -0.05
N11 1S2 B . -2.41 -0.60 0.08
N22 1S2 B . -6.29 1.57 4.49
CL1 1S2 B . -5.25 4.11 0.10
C ACT C . 2.02 6.90 1.48
O ACT C . 1.30 7.80 1.99
OXT ACT C . 1.70 5.74 1.07
CH3 ACT C . 3.49 7.33 1.32
S DMS D . -12.63 -4.93 -21.61
O DMS D . -13.78 -5.74 -22.12
C1 DMS D . -12.95 -4.49 -19.89
C2 DMS D . -12.67 -3.26 -22.35
S DMS E . -7.07 17.15 -4.70
O DMS E . -5.92 16.36 -4.16
C1 DMS E . -6.54 17.95 -6.24
C2 DMS E . -7.32 18.62 -3.67
S DMS F . 4.66 -0.71 -18.77
O DMS F . 5.18 -2.04 -19.22
C1 DMS F . 4.54 0.28 -20.29
C2 DMS F . 5.94 0.01 -17.70
C1 EDO G . -11.05 5.07 -13.89
O1 EDO G . -10.83 5.73 -12.63
C2 EDO G . -12.54 4.84 -14.11
O2 EDO G . -13.32 5.97 -13.63
C1 EDO H . 7.12 13.68 5.50
O1 EDO H . 5.98 12.87 5.14
C2 EDO H . 8.14 12.96 6.37
O2 EDO H . 9.03 12.14 5.61
C ACT I . -9.08 1.74 -21.85
O ACT I . -8.90 0.53 -22.17
OXT ACT I . -9.78 2.61 -22.44
CH3 ACT I . -8.42 2.22 -20.53
C ACT J . -1.69 -2.94 10.88
O ACT J . -2.30 -2.95 11.99
OXT ACT J . -1.70 -2.07 9.96
CH3 ACT J . -0.81 -4.18 10.61
C1 EDO K . -20.29 8.21 -5.70
O1 EDO K . -19.16 9.10 -5.69
C2 EDO K . -19.90 7.00 -4.87
O2 EDO K . -21.02 6.51 -4.12
S DMS L . 2.22 -11.57 -17.90
O DMS L . 2.51 -11.48 -16.44
C1 DMS L . 2.62 -13.23 -18.49
C2 DMS L . 3.42 -10.58 -18.81
C1 EDO M . -16.08 0.26 -23.30
O1 EDO M . -15.06 -0.45 -24.01
C2 EDO M . -16.60 1.43 -24.14
O2 EDO M . -17.01 2.49 -23.27
C1 EDO N . 2.82 7.77 -3.93
O1 EDO N . 3.84 7.78 -2.92
C2 EDO N . 1.48 7.29 -3.35
O2 EDO N . 0.98 8.25 -2.41
C1 EDO O . -5.95 20.23 -17.04
O1 EDO O . -6.01 19.12 -17.94
C2 EDO O . -5.31 19.79 -15.74
O2 EDO O . -5.21 20.94 -14.89
C ACT P . 12.76 9.35 -24.81
O ACT P . 11.90 9.31 -23.88
OXT ACT P . 13.48 8.41 -25.27
CH3 ACT P . 12.98 10.71 -25.50
#